data_7UNH
#
_entry.id   7UNH
#
_cell.length_a   54.131
_cell.length_b   76.140
_cell.length_c   63.234
_cell.angle_alpha   90.000
_cell.angle_beta   99.060
_cell.angle_gamma   90.000
#
_symmetry.space_group_name_H-M   'P 1 21 1'
#
loop_
_entity.id
_entity.type
_entity.pdbx_description
1 polymer 'SP2 designed chlorophyll dimer protein'
2 non-polymer 1,2-ETHANEDIOL
3 water water
#
_entity_poly.entity_id   1
_entity_poly.type   'polypeptide(L)'
_entity_poly.pdbx_seq_one_letter_code
;SSDEEFKFLATEAKMLITAAERLAGTDPELQEMVALIKKELEQAERTFRNGDKSEAQRQLEFVLTAARAVMNVAAAANAA
GTDPELIEMVLRILKQLKEAIRTFQNGDQEEAETQLRFVLRAAIAVAVVAAALVLAGTDPELQEMVKQILEELKQAIETF
ARGDKEKALTQLLFVAWAAHAVAMIAAAANLAGTDPRLQQQVKEILEKLKEAIETFQKGDEEQAFRQLAEVLAEAALVAL
RAALTN
;
_entity_poly.pdbx_strand_id   A,B
#
# COMPACT_ATOMS: atom_id res chain seq x y z
N SER A 1 9.24 -20.48 -13.46
CA SER A 1 10.52 -19.76 -13.52
C SER A 1 11.40 -20.12 -12.31
N SER A 2 10.76 -20.46 -11.20
CA SER A 2 11.47 -20.83 -9.98
C SER A 2 10.51 -21.48 -8.99
N ASP A 3 10.92 -22.63 -8.44
CA ASP A 3 10.08 -23.29 -7.43
C ASP A 3 9.99 -22.46 -6.16
N GLU A 4 11.06 -21.74 -5.84
CA GLU A 4 11.11 -20.96 -4.61
C GLU A 4 10.15 -19.78 -4.68
N GLU A 5 10.11 -19.10 -5.83
CA GLU A 5 9.20 -17.98 -6.01
C GLU A 5 7.74 -18.44 -6.02
N PHE A 6 7.47 -19.64 -6.52
CA PHE A 6 6.11 -20.14 -6.55
C PHE A 6 5.56 -20.34 -5.14
N LYS A 7 6.33 -20.99 -4.27
CA LYS A 7 5.90 -21.19 -2.90
C LYS A 7 5.73 -19.86 -2.18
N PHE A 8 6.62 -18.90 -2.45
CA PHE A 8 6.48 -17.57 -1.85
C PHE A 8 5.21 -16.89 -2.34
N LEU A 9 4.92 -16.98 -3.63
CA LEU A 9 3.69 -16.40 -4.17
C LEU A 9 2.46 -17.12 -3.63
N ALA A 10 2.53 -18.44 -3.50
CA ALA A 10 1.40 -19.20 -3.00
C ALA A 10 1.12 -18.88 -1.53
N THR A 11 2.15 -18.59 -0.75
CA THR A 11 1.95 -18.27 0.66
C THR A 11 1.21 -16.95 0.82
N GLU A 12 1.61 -15.91 0.09
CA GLU A 12 0.93 -14.63 0.20
C GLU A 12 -0.45 -14.68 -0.43
N ALA A 13 -0.64 -15.46 -1.49
CA ALA A 13 -1.95 -15.57 -2.12
C ALA A 13 -2.97 -16.18 -1.15
N LYS A 14 -2.57 -17.24 -0.44
CA LYS A 14 -3.46 -17.82 0.56
C LYS A 14 -3.73 -16.85 1.70
N MET A 15 -2.76 -15.97 1.99
CA MET A 15 -2.94 -15.02 3.08
C MET A 15 -3.98 -13.99 2.71
N LEU A 16 -3.93 -13.49 1.47
CA LEU A 16 -4.93 -12.55 0.98
C LEU A 16 -6.31 -13.19 0.92
N ILE A 17 -6.38 -14.47 0.56
CA ILE A 17 -7.66 -15.16 0.50
C ILE A 17 -8.23 -15.37 1.90
N THR A 18 -7.38 -15.76 2.84
CA THR A 18 -7.84 -15.97 4.22
C THR A 18 -8.44 -14.69 4.80
N ALA A 19 -7.77 -13.55 4.58
CA ALA A 19 -8.31 -12.28 5.05
C ALA A 19 -9.56 -11.89 4.27
N ALA A 20 -9.59 -12.18 2.96
CA ALA A 20 -10.76 -11.85 2.16
C ALA A 20 -11.97 -12.66 2.57
N GLU A 21 -11.78 -13.94 2.91
CA GLU A 21 -12.89 -14.76 3.36
C GLU A 21 -13.52 -14.20 4.62
N ARG A 22 -12.70 -13.68 5.54
CA ARG A 22 -13.23 -13.11 6.77
C ARG A 22 -13.89 -11.76 6.51
N LEU A 23 -13.25 -10.90 5.72
CA LEU A 23 -13.81 -9.58 5.44
C LEU A 23 -15.09 -9.68 4.60
N ALA A 24 -15.21 -10.72 3.77
CA ALA A 24 -16.41 -10.88 2.95
C ALA A 24 -17.65 -11.04 3.83
N GLY A 25 -17.51 -11.68 4.98
CA GLY A 25 -18.63 -11.81 5.89
C GLY A 25 -19.74 -12.67 5.30
N THR A 26 -20.94 -12.11 5.23
CA THR A 26 -22.11 -12.80 4.72
C THR A 26 -22.52 -12.35 3.33
N ASP A 27 -21.82 -11.39 2.75
CA ASP A 27 -22.17 -10.89 1.43
C ASP A 27 -21.98 -11.99 0.38
N PRO A 28 -23.04 -12.39 -0.33
CA PRO A 28 -22.87 -13.48 -1.30
C PRO A 28 -22.00 -13.10 -2.49
N GLU A 29 -22.01 -11.83 -2.91
CA GLU A 29 -21.18 -11.43 -4.03
C GLU A 29 -19.70 -11.45 -3.67
N LEU A 30 -19.35 -10.95 -2.49
CA LEU A 30 -17.96 -11.00 -2.05
C LEU A 30 -17.50 -12.44 -1.84
N GLN A 31 -18.37 -13.29 -1.30
CA GLN A 31 -18.02 -14.69 -1.09
C GLN A 31 -17.84 -15.41 -2.42
N GLU A 32 -18.66 -15.07 -3.42
CA GLU A 32 -18.53 -15.69 -4.74
C GLU A 32 -17.20 -15.34 -5.39
N MET A 33 -16.80 -14.07 -5.30
CA MET A 33 -15.54 -13.65 -5.91
C MET A 33 -14.36 -14.30 -5.23
N VAL A 34 -14.38 -14.40 -3.90
CA VAL A 34 -13.27 -15.00 -3.17
C VAL A 34 -13.14 -16.47 -3.52
N ALA A 35 -14.28 -17.18 -3.58
CA ALA A 35 -14.23 -18.60 -3.93
C ALA A 35 -13.76 -18.79 -5.37
N LEU A 36 -14.14 -17.88 -6.26
CA LEU A 36 -13.68 -17.97 -7.65
C LEU A 36 -12.17 -17.79 -7.75
N ILE A 37 -11.63 -16.81 -7.03
CA ILE A 37 -10.18 -16.60 -7.04
C ILE A 37 -9.48 -17.73 -6.30
N LYS A 38 -10.08 -18.23 -5.23
CA LYS A 38 -9.48 -19.34 -4.48
C LYS A 38 -9.35 -20.58 -5.36
N LYS A 39 -10.37 -20.86 -6.18
CA LYS A 39 -10.30 -22.01 -7.08
C LYS A 39 -9.26 -21.82 -8.17
N GLU A 40 -8.98 -20.58 -8.55
CA GLU A 40 -7.90 -20.32 -9.49
C GLU A 40 -6.54 -20.52 -8.84
N LEU A 41 -6.42 -20.22 -7.54
CA LEU A 41 -5.19 -20.48 -6.80
C LEU A 41 -4.90 -21.97 -6.75
N GLU A 42 -5.92 -22.78 -6.41
CA GLU A 42 -5.72 -24.22 -6.33
C GLU A 42 -5.50 -24.84 -7.70
N GLN A 43 -6.03 -24.22 -8.76
CA GLN A 43 -5.76 -24.72 -10.11
C GLN A 43 -4.30 -24.49 -10.50
N ALA A 44 -3.73 -23.35 -10.12
CA ALA A 44 -2.32 -23.08 -10.39
C ALA A 44 -1.41 -24.03 -9.62
N GLU A 45 -1.86 -24.50 -8.45
CA GLU A 45 -1.05 -25.43 -7.67
C GLU A 45 -1.03 -26.81 -8.30
N ARG A 46 -2.15 -27.25 -8.86
CA ARG A 46 -2.20 -28.55 -9.53
C ARG A 46 -1.32 -28.55 -10.78
N THR A 47 -1.35 -27.45 -11.54
CA THR A 47 -0.50 -27.35 -12.73
C THR A 47 0.97 -27.36 -12.35
N PHE A 48 1.32 -26.76 -11.21
CA PHE A 48 2.70 -26.78 -10.75
C PHE A 48 3.15 -28.19 -10.38
N ARG A 49 2.26 -28.97 -9.78
CA ARG A 49 2.60 -30.33 -9.39
C ARG A 49 2.56 -31.30 -10.57
N ASN A 50 1.75 -31.00 -11.59
CA ASN A 50 1.55 -31.93 -12.70
C ASN A 50 2.22 -31.42 -13.98
N GLY A 51 1.76 -30.31 -14.54
CA GLY A 51 2.23 -29.88 -15.84
C GLY A 51 3.25 -28.76 -15.84
N ASP A 52 3.02 -27.75 -16.67
CA ASP A 52 3.97 -26.65 -16.81
C ASP A 52 4.07 -25.86 -15.51
N LYS A 53 5.29 -25.71 -15.01
CA LYS A 53 5.51 -24.90 -13.81
C LYS A 53 5.63 -23.42 -14.14
N SER A 54 6.21 -23.09 -15.31
CA SER A 54 6.31 -21.68 -15.69
C SER A 54 4.94 -21.10 -16.04
N GLU A 55 4.03 -21.92 -16.57
CA GLU A 55 2.67 -21.44 -16.83
C GLU A 55 1.86 -21.35 -15.55
N ALA A 56 2.07 -22.27 -14.61
CA ALA A 56 1.39 -22.21 -13.33
C ALA A 56 1.81 -20.97 -12.54
N GLN A 57 3.05 -20.52 -12.72
CA GLN A 57 3.52 -19.33 -12.02
C GLN A 57 2.84 -18.08 -12.56
N ARG A 58 2.70 -17.97 -13.88
CA ARG A 58 2.01 -16.83 -14.46
C ARG A 58 0.55 -16.77 -14.01
N GLN A 59 -0.09 -17.93 -13.93
CA GLN A 59 -1.45 -17.98 -13.39
C GLN A 59 -1.47 -17.59 -11.92
N LEU A 60 -0.45 -18.00 -11.16
CA LEU A 60 -0.38 -17.63 -9.75
C LEU A 60 -0.15 -16.15 -9.57
N GLU A 61 0.72 -15.55 -10.39
CA GLU A 61 0.97 -14.12 -10.28
C GLU A 61 -0.28 -13.32 -10.60
N PHE A 62 -1.09 -13.80 -11.53
CA PHE A 62 -2.38 -13.18 -11.81
C PHE A 62 -3.35 -13.38 -10.64
N VAL A 63 -3.34 -14.58 -10.06
CA VAL A 63 -4.22 -14.87 -8.93
C VAL A 63 -3.86 -13.99 -7.74
N LEU A 64 -2.57 -13.73 -7.55
CA LEU A 64 -2.13 -12.90 -6.42
C LEU A 64 -2.71 -11.50 -6.51
N THR A 65 -2.61 -10.87 -7.68
CA THR A 65 -3.15 -9.52 -7.84
C THR A 65 -4.67 -9.49 -7.72
N ALA A 66 -5.34 -10.56 -8.15
CA ALA A 66 -6.79 -10.63 -7.97
C ALA A 66 -7.17 -10.83 -6.51
N ALA A 67 -6.36 -11.56 -5.76
CA ALA A 67 -6.64 -11.75 -4.34
C ALA A 67 -6.49 -10.45 -3.56
N ARG A 68 -5.43 -9.70 -3.84
CA ARG A 68 -5.26 -8.40 -3.19
C ARG A 68 -6.38 -7.45 -3.56
N ALA A 69 -6.89 -7.54 -4.80
CA ALA A 69 -7.99 -6.68 -5.22
C ALA A 69 -9.26 -7.02 -4.45
N VAL A 70 -9.61 -8.31 -4.37
CA VAL A 70 -10.86 -8.69 -3.72
C VAL A 70 -10.79 -8.44 -2.22
N MET A 71 -9.59 -8.49 -1.63
CA MET A 71 -9.48 -8.20 -0.20
C MET A 71 -9.71 -6.72 0.08
N ASN A 72 -9.20 -5.85 -0.80
CA ASN A 72 -9.46 -4.42 -0.64
C ASN A 72 -10.92 -4.09 -0.88
N VAL A 73 -11.54 -4.74 -1.88
CA VAL A 73 -12.96 -4.53 -2.13
C VAL A 73 -13.78 -4.98 -0.93
N ALA A 74 -13.45 -6.14 -0.36
CA ALA A 74 -14.16 -6.62 0.82
C ALA A 74 -13.98 -5.66 1.99
N ALA A 75 -12.75 -5.19 2.21
CA ALA A 75 -12.52 -4.21 3.26
C ALA A 75 -13.26 -2.91 2.98
N ALA A 76 -13.35 -2.52 1.70
CA ALA A 76 -14.11 -1.33 1.34
C ALA A 76 -15.60 -1.52 1.61
N ALA A 77 -16.12 -2.72 1.32
CA ALA A 77 -17.54 -2.98 1.55
C ALA A 77 -17.89 -2.88 3.02
N ASN A 78 -16.98 -3.30 3.91
CA ASN A 78 -17.24 -3.19 5.33
C ASN A 78 -17.27 -1.74 5.79
N ALA A 79 -16.24 -0.98 5.43
CA ALA A 79 -16.17 0.42 5.86
C ALA A 79 -17.25 1.26 5.18
N ALA A 80 -17.70 0.86 3.99
CA ALA A 80 -18.73 1.62 3.29
C ALA A 80 -20.03 1.66 4.08
N GLY A 81 -20.35 0.59 4.79
CA GLY A 81 -21.57 0.58 5.58
C GLY A 81 -22.79 0.57 4.68
N THR A 82 -23.64 1.58 4.83
CA THR A 82 -24.86 1.69 4.05
C THR A 82 -24.81 2.83 3.03
N ASP A 83 -23.65 3.44 2.82
CA ASP A 83 -23.52 4.52 1.85
C ASP A 83 -23.77 3.99 0.45
N PRO A 84 -24.81 4.45 -0.25
CA PRO A 84 -25.09 3.87 -1.57
C PRO A 84 -24.03 4.17 -2.61
N GLU A 85 -23.42 5.36 -2.55
CA GLU A 85 -22.40 5.70 -3.54
C GLU A 85 -21.18 4.80 -3.42
N LEU A 86 -20.76 4.49 -2.19
CA LEU A 86 -19.64 3.58 -2.01
C LEU A 86 -20.03 2.14 -2.37
N ILE A 87 -21.24 1.72 -1.99
CA ILE A 87 -21.70 0.38 -2.33
C ILE A 87 -21.78 0.21 -3.85
N GLU A 88 -22.25 1.24 -4.55
CA GLU A 88 -22.32 1.16 -6.00
C GLU A 88 -20.94 0.99 -6.62
N MET A 89 -19.95 1.74 -6.12
CA MET A 89 -18.59 1.63 -6.63
C MET A 89 -18.02 0.24 -6.39
N VAL A 90 -18.32 -0.35 -5.23
CA VAL A 90 -17.85 -1.71 -4.93
C VAL A 90 -18.40 -2.69 -5.96
N LEU A 91 -19.65 -2.48 -6.40
CA LEU A 91 -20.24 -3.38 -7.38
C LEU A 91 -19.56 -3.22 -8.75
N ARG A 92 -19.28 -1.98 -9.16
CA ARG A 92 -18.64 -1.77 -10.45
C ARG A 92 -17.25 -2.39 -10.49
N ILE A 93 -16.47 -2.20 -9.42
CA ILE A 93 -15.12 -2.76 -9.38
C ILE A 93 -15.18 -4.28 -9.33
N LEU A 94 -16.18 -4.83 -8.64
CA LEU A 94 -16.32 -6.28 -8.58
C LEU A 94 -16.62 -6.86 -9.95
N LYS A 95 -17.51 -6.21 -10.71
CA LYS A 95 -17.87 -6.72 -12.04
C LYS A 95 -16.67 -6.70 -12.98
N GLN A 96 -15.90 -5.61 -12.95
CA GLN A 96 -14.71 -5.53 -13.81
C GLN A 96 -13.66 -6.54 -13.39
N LEU A 97 -13.58 -6.85 -12.09
CA LEU A 97 -12.66 -7.89 -11.64
C LEU A 97 -13.10 -9.27 -12.12
N LYS A 98 -14.41 -9.54 -12.08
CA LYS A 98 -14.92 -10.82 -12.56
C LYS A 98 -14.67 -10.98 -14.06
N GLU A 99 -14.86 -9.91 -14.83
CA GLU A 99 -14.62 -9.98 -16.26
C GLU A 99 -13.15 -10.22 -16.57
N ALA A 100 -12.26 -9.64 -15.77
CA ALA A 100 -10.82 -9.85 -15.99
C ALA A 100 -10.43 -11.29 -15.69
N ILE A 101 -11.04 -11.89 -14.68
CA ILE A 101 -10.75 -13.29 -14.36
C ILE A 101 -11.23 -14.20 -15.47
N ARG A 102 -12.41 -13.92 -16.03
CA ARG A 102 -12.90 -14.70 -17.16
C ARG A 102 -11.98 -14.55 -18.37
N THR A 103 -11.49 -13.33 -18.60
CA THR A 103 -10.59 -13.09 -19.74
C THR A 103 -9.27 -13.84 -19.57
N PHE A 104 -8.80 -14.00 -18.33
CA PHE A 104 -7.59 -14.79 -18.10
C PHE A 104 -7.84 -16.27 -18.33
N GLN A 105 -8.98 -16.77 -17.84
CA GLN A 105 -9.32 -18.18 -18.07
C GLN A 105 -9.51 -18.46 -19.56
N ASN A 106 -10.06 -17.49 -20.30
CA ASN A 106 -10.30 -17.69 -21.72
C ASN A 106 -9.00 -17.76 -22.52
N GLY A 107 -7.90 -17.27 -21.97
CA GLY A 107 -6.61 -17.33 -22.63
C GLY A 107 -6.00 -15.97 -22.96
N ASP A 108 -6.81 -14.91 -22.97
CA ASP A 108 -6.33 -13.57 -23.27
C ASP A 108 -5.66 -13.01 -22.02
N GLN A 109 -4.43 -13.47 -21.79
CA GLN A 109 -3.74 -13.14 -20.54
C GLN A 109 -3.26 -11.70 -20.51
N GLU A 110 -2.79 -11.18 -21.64
CA GLU A 110 -2.30 -9.79 -21.69
C GLU A 110 -3.42 -8.82 -21.36
N GLU A 111 -4.59 -9.01 -21.97
CA GLU A 111 -5.73 -8.14 -21.70
C GLU A 111 -6.16 -8.25 -20.24
N ALA A 112 -6.21 -9.47 -19.71
CA ALA A 112 -6.64 -9.65 -18.32
C ALA A 112 -5.66 -8.99 -17.35
N GLU A 113 -4.35 -9.14 -17.60
CA GLU A 113 -3.35 -8.51 -16.75
C GLU A 113 -3.41 -6.99 -16.87
N THR A 114 -3.69 -6.49 -18.09
CA THR A 114 -3.88 -5.05 -18.25
C THR A 114 -5.12 -4.58 -17.49
N GLN A 115 -6.17 -5.40 -17.48
CA GLN A 115 -7.39 -5.03 -16.75
C GLN A 115 -7.15 -5.01 -15.25
N LEU A 116 -6.47 -6.04 -14.72
CA LEU A 116 -6.28 -6.12 -13.27
C LEU A 116 -5.35 -5.03 -12.76
N ARG A 117 -4.43 -4.54 -13.60
CA ARG A 117 -3.60 -3.40 -13.19
C ARG A 117 -4.46 -2.20 -12.86
N PHE A 118 -5.52 -1.98 -13.64
CA PHE A 118 -6.47 -0.91 -13.36
C PHE A 118 -7.41 -1.30 -12.22
N VAL A 119 -7.83 -2.56 -12.16
CA VAL A 119 -8.78 -3.00 -11.16
C VAL A 119 -8.15 -2.95 -9.76
N LEU A 120 -6.89 -3.37 -9.64
CA LEU A 120 -6.23 -3.39 -8.33
C LEU A 120 -6.09 -1.98 -7.78
N ARG A 121 -5.72 -1.02 -8.62
CA ARG A 121 -5.58 0.36 -8.16
C ARG A 121 -6.92 0.96 -7.79
N ALA A 122 -7.98 0.61 -8.52
CA ALA A 122 -9.31 1.10 -8.18
C ALA A 122 -9.82 0.46 -6.89
N ALA A 123 -9.49 -0.82 -6.67
CA ALA A 123 -9.92 -1.50 -5.46
C ALA A 123 -9.26 -0.90 -4.23
N ILE A 124 -7.98 -0.55 -4.32
CA ILE A 124 -7.29 0.07 -3.20
C ILE A 124 -7.83 1.48 -2.95
N ALA A 125 -8.14 2.21 -4.01
CA ALA A 125 -8.62 3.58 -3.86
C ALA A 125 -9.99 3.62 -3.18
N VAL A 126 -10.89 2.70 -3.55
CA VAL A 126 -12.21 2.70 -2.93
C VAL A 126 -12.12 2.28 -1.47
N ALA A 127 -11.13 1.45 -1.13
CA ALA A 127 -10.93 1.09 0.28
C ALA A 127 -10.42 2.27 1.08
N VAL A 128 -9.48 3.03 0.51
CA VAL A 128 -8.95 4.21 1.20
C VAL A 128 -10.03 5.29 1.30
N VAL A 129 -10.82 5.46 0.24
CA VAL A 129 -11.90 6.44 0.28
C VAL A 129 -12.94 6.06 1.33
N ALA A 130 -13.28 4.77 1.41
CA ALA A 130 -14.26 4.33 2.39
C ALA A 130 -13.76 4.55 3.81
N ALA A 131 -12.47 4.29 4.06
CA ALA A 131 -11.91 4.55 5.38
C ALA A 131 -11.86 6.05 5.69
N ALA A 132 -11.65 6.88 4.67
CA ALA A 132 -11.59 8.32 4.88
C ALA A 132 -12.95 8.85 5.31
N LEU A 133 -14.03 8.39 4.66
CA LEU A 133 -15.37 8.85 5.02
C LEU A 133 -15.72 8.47 6.44
N VAL A 134 -15.31 7.27 6.87
CA VAL A 134 -15.55 6.85 8.25
C VAL A 134 -14.76 7.74 9.21
N LEU A 135 -13.48 7.98 8.90
CA LEU A 135 -12.66 8.84 9.74
C LEU A 135 -13.16 10.28 9.72
N ALA A 136 -13.79 10.70 8.63
CA ALA A 136 -14.30 12.06 8.54
C ALA A 136 -15.41 12.31 9.58
N GLY A 137 -16.15 11.27 9.94
CA GLY A 137 -17.21 11.43 10.93
C GLY A 137 -18.33 12.28 10.37
N THR A 138 -18.72 13.30 11.13
CA THR A 138 -19.80 14.19 10.75
C THR A 138 -19.31 15.53 10.20
N ASP A 139 -18.03 15.64 9.90
CA ASP A 139 -17.48 16.88 9.35
C ASP A 139 -17.99 17.08 7.93
N PRO A 140 -18.77 18.14 7.66
CA PRO A 140 -19.32 18.29 6.30
C PRO A 140 -18.26 18.58 5.25
N GLU A 141 -17.25 19.38 5.58
CA GLU A 141 -16.21 19.70 4.61
C GLU A 141 -15.42 18.46 4.22
N LEU A 142 -15.17 17.57 5.17
CA LEU A 142 -14.43 16.34 4.86
C LEU A 142 -15.27 15.39 4.04
N GLN A 143 -16.56 15.24 4.37
CA GLN A 143 -17.44 14.37 3.60
C GLN A 143 -17.59 14.86 2.17
N GLU A 144 -17.63 16.18 1.98
CA GLU A 144 -17.77 16.73 0.63
C GLU A 144 -16.56 16.39 -0.23
N MET A 145 -15.36 16.45 0.36
CA MET A 145 -14.16 16.11 -0.39
C MET A 145 -14.12 14.63 -0.73
N VAL A 146 -14.43 13.77 0.25
CA VAL A 146 -14.46 12.33 0.00
C VAL A 146 -15.46 12.00 -1.10
N LYS A 147 -16.62 12.65 -1.08
CA LYS A 147 -17.60 12.46 -2.16
C LYS A 147 -17.08 13.01 -3.48
N GLN A 148 -16.25 14.05 -3.44
CA GLN A 148 -15.69 14.60 -4.67
C GLN A 148 -14.68 13.64 -5.28
N ILE A 149 -13.89 12.96 -4.45
CA ILE A 149 -12.95 11.96 -4.96
C ILE A 149 -13.70 10.77 -5.52
N LEU A 150 -14.82 10.39 -4.88
CA LEU A 150 -15.57 9.23 -5.31
C LEU A 150 -16.06 9.40 -6.75
N GLU A 151 -16.60 10.57 -7.08
CA GLU A 151 -17.09 10.79 -8.43
C GLU A 151 -15.96 10.80 -9.45
N GLU A 152 -14.79 11.33 -9.07
CA GLU A 152 -13.64 11.27 -9.95
C GLU A 152 -13.24 9.83 -10.25
N LEU A 153 -13.27 8.97 -9.23
CA LEU A 153 -13.02 7.54 -9.45
C LEU A 153 -14.11 6.93 -10.34
N LYS A 154 -15.35 7.41 -10.22
CA LYS A 154 -16.42 6.92 -11.07
C LYS A 154 -16.18 7.27 -12.53
N GLN A 155 -15.72 8.50 -12.79
CA GLN A 155 -15.43 8.90 -14.16
C GLN A 155 -14.25 8.11 -14.73
N ALA A 156 -13.27 7.79 -13.89
CA ALA A 156 -12.13 7.00 -14.36
C ALA A 156 -12.56 5.59 -14.73
N ILE A 157 -13.43 4.98 -13.93
CA ILE A 157 -13.92 3.64 -14.25
C ILE A 157 -14.76 3.67 -15.53
N GLU A 158 -15.61 4.69 -15.68
CA GLU A 158 -16.45 4.79 -16.88
C GLU A 158 -15.60 5.07 -18.12
N THR A 159 -14.60 5.94 -18.00
CA THR A 159 -13.72 6.23 -19.12
C THR A 159 -12.96 4.97 -19.56
N PHE A 160 -12.59 4.13 -18.60
CA PHE A 160 -11.92 2.88 -18.94
C PHE A 160 -12.85 1.95 -19.72
N ALA A 161 -14.11 1.85 -19.30
CA ALA A 161 -15.06 1.01 -20.00
C ALA A 161 -15.40 1.56 -21.38
N ARG A 162 -15.32 2.88 -21.55
CA ARG A 162 -15.63 3.47 -22.85
C ARG A 162 -14.59 3.08 -23.90
N GLY A 163 -13.34 2.88 -23.49
CA GLY A 163 -12.31 2.45 -24.41
C GLY A 163 -10.98 3.16 -24.25
N ASP A 164 -11.03 4.41 -23.77
CA ASP A 164 -9.82 5.22 -23.61
C ASP A 164 -9.15 4.81 -22.30
N LYS A 165 -8.37 3.73 -22.37
CA LYS A 165 -7.72 3.20 -21.17
C LYS A 165 -6.61 4.13 -20.69
N GLU A 166 -5.91 4.77 -21.62
CA GLU A 166 -4.78 5.63 -21.25
C GLU A 166 -5.26 6.83 -20.42
N LYS A 167 -6.32 7.50 -20.87
CA LYS A 167 -6.85 8.63 -20.13
C LYS A 167 -7.41 8.20 -18.78
N ALA A 168 -8.07 7.04 -18.74
CA ALA A 168 -8.61 6.54 -17.48
C ALA A 168 -7.49 6.18 -16.50
N LEU A 169 -6.39 5.63 -17.01
CA LEU A 169 -5.25 5.30 -16.16
C LEU A 169 -4.67 6.55 -15.52
N THR A 170 -4.51 7.62 -16.29
CA THR A 170 -3.99 8.88 -15.74
C THR A 170 -4.93 9.44 -14.67
N GLN A 171 -6.24 9.36 -14.91
CA GLN A 171 -7.19 9.85 -13.92
C GLN A 171 -7.18 8.98 -12.67
N LEU A 172 -7.06 7.66 -12.82
CA LEU A 172 -7.02 6.79 -11.66
C LEU A 172 -5.78 7.01 -10.81
N LEU A 173 -4.66 7.33 -11.45
CA LEU A 173 -3.45 7.69 -10.68
C LEU A 173 -3.71 8.91 -9.81
N PHE A 174 -4.34 9.93 -10.38
CA PHE A 174 -4.70 11.11 -9.60
C PHE A 174 -5.68 10.78 -8.49
N VAL A 175 -6.65 9.91 -8.78
CA VAL A 175 -7.65 9.53 -7.78
C VAL A 175 -6.99 8.77 -6.63
N ALA A 176 -6.04 7.88 -6.95
CA ALA A 176 -5.40 7.07 -5.93
C ALA A 176 -4.65 7.93 -4.92
N TRP A 177 -3.93 8.95 -5.40
CA TRP A 177 -3.17 9.81 -4.49
C TRP A 177 -4.09 10.75 -3.73
N ALA A 178 -5.10 11.31 -4.40
CA ALA A 178 -6.05 12.17 -3.72
C ALA A 178 -6.83 11.41 -2.66
N ALA A 179 -7.06 10.12 -2.87
CA ALA A 179 -7.70 9.29 -1.85
C ALA A 179 -6.78 9.11 -0.65
N HIS A 180 -5.50 8.79 -0.90
CA HIS A 180 -4.55 8.65 0.19
C HIS A 180 -4.36 9.95 0.94
N ALA A 181 -4.51 11.09 0.26
CA ALA A 181 -4.34 12.38 0.92
C ALA A 181 -5.52 12.69 1.83
N VAL A 182 -6.74 12.49 1.34
CA VAL A 182 -7.92 12.83 2.13
C VAL A 182 -8.06 11.89 3.32
N ALA A 183 -7.58 10.65 3.20
CA ALA A 183 -7.65 9.73 4.33
C ALA A 183 -6.71 10.15 5.44
N MET A 184 -5.58 10.76 5.10
CA MET A 184 -4.66 11.26 6.12
C MET A 184 -5.13 12.59 6.70
N ILE A 185 -5.79 13.43 5.89
CA ILE A 185 -6.38 14.66 6.42
C ILE A 185 -7.51 14.33 7.38
N ALA A 186 -8.35 13.35 7.03
CA ALA A 186 -9.43 12.95 7.92
C ALA A 186 -8.88 12.35 9.21
N ALA A 187 -7.84 11.52 9.11
CA ALA A 187 -7.21 10.98 10.30
C ALA A 187 -6.57 12.09 11.14
N ALA A 188 -6.02 13.10 10.47
CA ALA A 188 -5.44 14.23 11.19
C ALA A 188 -6.50 14.99 11.97
N ALA A 189 -7.63 15.29 11.32
CA ALA A 189 -8.72 15.99 12.00
C ALA A 189 -9.29 15.18 13.14
N ASN A 190 -9.27 13.84 13.01
CA ASN A 190 -9.73 12.99 14.09
C ASN A 190 -8.75 13.02 15.25
N LEU A 191 -7.45 12.89 14.96
CA LEU A 191 -6.43 12.91 16.01
C LEU A 191 -6.25 14.30 16.62
N ALA A 192 -6.59 15.36 15.87
CA ALA A 192 -6.42 16.71 16.39
C ALA A 192 -7.35 16.97 17.57
N GLY A 193 -8.62 16.59 17.44
CA GLY A 193 -9.56 16.82 18.52
C GLY A 193 -9.92 18.29 18.62
N THR A 194 -9.91 18.82 19.83
CA THR A 194 -10.26 20.21 20.08
C THR A 194 -9.07 21.16 19.95
N ASP A 195 -7.90 20.66 19.56
CA ASP A 195 -6.73 21.51 19.41
C ASP A 195 -6.96 22.50 18.27
N PRO A 196 -7.00 23.81 18.55
CA PRO A 196 -7.28 24.77 17.47
C PRO A 196 -6.12 24.95 16.51
N ARG A 197 -4.88 24.72 16.96
CA ARG A 197 -3.72 24.90 16.09
C ARG A 197 -3.71 23.86 14.98
N LEU A 198 -3.90 22.58 15.34
CA LEU A 198 -3.88 21.53 14.34
C LEU A 198 -5.13 21.56 13.46
N GLN A 199 -6.27 21.92 14.05
CA GLN A 199 -7.51 21.98 13.27
C GLN A 199 -7.47 23.07 12.23
N GLN A 200 -6.67 24.13 12.46
CA GLN A 200 -6.51 25.16 11.45
C GLN A 200 -5.62 24.68 10.31
N GLN A 201 -4.54 23.95 10.64
CA GLN A 201 -3.67 23.41 9.61
C GLN A 201 -4.38 22.37 8.75
N VAL A 202 -5.42 21.72 9.28
CA VAL A 202 -6.16 20.74 8.50
C VAL A 202 -6.98 21.43 7.42
N LYS A 203 -7.63 22.55 7.77
CA LYS A 203 -8.42 23.28 6.78
C LYS A 203 -7.55 23.84 5.66
N GLU A 204 -6.36 24.34 6.02
CA GLU A 204 -5.47 24.92 5.02
C GLU A 204 -5.00 23.86 4.02
N ILE A 205 -4.61 22.68 4.52
CA ILE A 205 -4.19 21.60 3.64
C ILE A 205 -5.37 21.07 2.83
N LEU A 206 -6.56 21.03 3.44
CA LEU A 206 -7.75 20.60 2.72
C LEU A 206 -8.08 21.56 1.58
N GLU A 207 -7.78 22.85 1.74
CA GLU A 207 -7.97 23.79 0.64
C GLU A 207 -6.97 23.55 -0.48
N LYS A 208 -5.73 23.20 -0.13
CA LYS A 208 -4.73 22.92 -1.15
C LYS A 208 -5.09 21.67 -1.95
N LEU A 209 -5.76 20.70 -1.33
CA LEU A 209 -6.17 19.51 -2.06
C LEU A 209 -7.25 19.85 -3.09
N LYS A 210 -8.21 20.70 -2.71
CA LYS A 210 -9.25 21.10 -3.66
C LYS A 210 -8.66 21.88 -4.82
N GLU A 211 -7.64 22.71 -4.57
CA GLU A 211 -7.00 23.44 -5.65
C GLU A 211 -6.27 22.49 -6.59
N ALA A 212 -5.66 21.43 -6.06
CA ALA A 212 -5.00 20.45 -6.91
C ALA A 212 -6.00 19.72 -7.80
N ILE A 213 -7.19 19.43 -7.26
CA ILE A 213 -8.23 18.80 -8.08
C ILE A 213 -8.69 19.76 -9.17
N GLU A 214 -8.89 21.04 -8.82
CA GLU A 214 -9.32 22.02 -9.82
C GLU A 214 -8.29 22.20 -10.91
N THR A 215 -7.00 22.10 -10.57
CA THR A 215 -5.95 22.20 -11.58
C THR A 215 -6.02 21.03 -12.56
N PHE A 216 -6.31 19.83 -12.06
CA PHE A 216 -6.43 18.67 -12.93
C PHE A 216 -7.64 18.77 -13.84
N GLN A 217 -8.75 19.30 -13.32
CA GLN A 217 -9.97 19.43 -14.13
C GLN A 217 -9.81 20.52 -15.19
N LYS A 218 -9.02 21.55 -14.90
CA LYS A 218 -8.84 22.64 -15.86
C LYS A 218 -8.08 22.16 -17.10
N GLY A 219 -6.95 21.50 -16.89
CA GLY A 219 -6.17 20.97 -18.00
C GLY A 219 -4.70 20.81 -17.72
N ASP A 220 -4.17 21.57 -16.77
CA ASP A 220 -2.75 21.53 -16.44
C ASP A 220 -2.47 20.25 -15.64
N GLU A 221 -2.21 19.16 -16.36
CA GLU A 221 -1.98 17.88 -15.70
C GLU A 221 -0.63 17.86 -14.97
N GLU A 222 0.41 18.39 -15.61
CA GLU A 222 1.75 18.35 -15.01
C GLU A 222 1.79 19.11 -13.69
N GLN A 223 1.17 20.29 -13.64
CA GLN A 223 1.14 21.05 -12.40
C GLN A 223 0.21 20.42 -11.37
N ALA A 224 -0.88 19.80 -11.82
CA ALA A 224 -1.81 19.18 -10.89
C ALA A 224 -1.17 18.00 -10.16
N PHE A 225 -0.43 17.17 -10.89
CA PHE A 225 0.22 16.02 -10.26
C PHE A 225 1.28 16.47 -9.26
N ARG A 226 1.98 17.58 -9.56
N ARG A 226 1.97 17.57 -9.56
CA ARG A 226 2.95 18.10 -8.62
CA ARG A 226 2.95 18.10 -8.62
C ARG A 226 2.28 18.65 -7.37
C ARG A 226 2.28 18.65 -7.37
N GLN A 227 1.14 19.35 -7.54
CA GLN A 227 0.43 19.89 -6.39
C GLN A 227 -0.11 18.77 -5.51
N LEU A 228 -0.60 17.69 -6.11
CA LEU A 228 -1.14 16.58 -5.33
C LEU A 228 -0.05 15.89 -4.52
N ALA A 229 1.12 15.67 -5.13
CA ALA A 229 2.22 15.05 -4.40
C ALA A 229 2.64 15.89 -3.20
N GLU A 230 2.56 17.22 -3.31
CA GLU A 230 2.86 18.08 -2.17
C GLU A 230 1.77 17.99 -1.11
N VAL A 231 0.51 17.91 -1.53
CA VAL A 231 -0.58 17.81 -0.57
C VAL A 231 -0.48 16.52 0.23
N LEU A 232 -0.14 15.42 -0.43
CA LEU A 232 -0.04 14.14 0.26
C LEU A 232 1.06 14.17 1.32
N ALA A 233 2.19 14.81 1.01
CA ALA A 233 3.26 14.91 1.99
C ALA A 233 2.83 15.74 3.20
N GLU A 234 2.15 16.87 2.95
CA GLU A 234 1.68 17.71 4.05
C GLU A 234 0.61 17.00 4.87
N ALA A 235 -0.26 16.24 4.21
CA ALA A 235 -1.31 15.50 4.92
C ALA A 235 -0.71 14.45 5.84
N ALA A 236 0.37 13.80 5.41
CA ALA A 236 1.03 12.82 6.26
C ALA A 236 1.71 13.49 7.45
N LEU A 237 2.28 14.68 7.23
CA LEU A 237 2.99 15.37 8.31
C LEU A 237 2.01 15.92 9.34
N VAL A 238 0.87 16.45 8.88
CA VAL A 238 -0.12 16.97 9.83
C VAL A 238 -0.80 15.83 10.59
N ALA A 239 -0.90 14.66 9.97
CA ALA A 239 -1.42 13.49 10.69
C ALA A 239 -0.42 13.01 11.71
N LEU A 240 0.88 13.08 11.39
CA LEU A 240 1.91 12.72 12.36
C LEU A 240 1.92 13.68 13.53
N ARG A 241 1.78 14.98 13.26
CA ARG A 241 1.77 15.98 14.33
C ARG A 241 0.58 15.77 15.25
N ALA A 242 -0.60 15.52 14.68
CA ALA A 242 -1.80 15.33 15.50
C ALA A 242 -1.71 14.06 16.34
N ALA A 243 -1.14 12.99 15.77
CA ALA A 243 -1.03 11.74 16.51
C ALA A 243 -0.06 11.87 17.69
N LEU A 244 0.95 12.74 17.57
CA LEU A 244 1.91 12.89 18.65
C LEU A 244 1.33 13.58 19.87
N THR A 245 0.24 14.33 19.71
CA THR A 245 -0.38 15.00 20.86
C THR A 245 -1.12 14.01 21.75
N ASN A 246 -1.65 12.94 21.18
CA ASN A 246 -2.38 11.94 21.94
C ASN A 246 -1.43 11.13 22.82
N SER B 1 7.03 -2.19 -23.98
CA SER B 1 7.50 -0.87 -24.39
C SER B 1 6.36 -0.04 -24.99
N SER B 2 6.09 1.11 -24.39
CA SER B 2 5.02 1.98 -24.85
C SER B 2 5.32 3.40 -24.43
N ASP B 3 4.89 4.36 -25.26
CA ASP B 3 5.07 5.77 -24.95
C ASP B 3 4.11 6.21 -23.86
N GLU B 4 2.85 5.77 -23.94
CA GLU B 4 1.87 6.15 -22.91
C GLU B 4 2.24 5.55 -21.55
N GLU B 5 2.79 4.34 -21.56
CA GLU B 5 3.23 3.73 -20.31
C GLU B 5 4.42 4.45 -19.72
N PHE B 6 5.37 4.87 -20.57
CA PHE B 6 6.52 5.61 -20.08
C PHE B 6 6.10 6.95 -19.48
N LYS B 7 5.18 7.66 -20.15
CA LYS B 7 4.69 8.92 -19.61
C LYS B 7 3.92 8.70 -18.31
N PHE B 8 3.21 7.58 -18.19
CA PHE B 8 2.51 7.28 -16.95
C PHE B 8 3.48 7.00 -15.82
N LEU B 9 4.51 6.18 -16.09
CA LEU B 9 5.50 5.86 -15.06
C LEU B 9 6.29 7.10 -14.65
N ALA B 10 6.61 7.97 -15.60
CA ALA B 10 7.38 9.17 -15.29
C ALA B 10 6.60 10.12 -14.41
N THR B 11 5.30 10.29 -14.68
CA THR B 11 4.48 11.16 -13.87
C THR B 11 4.38 10.64 -12.44
N GLU B 12 4.14 9.34 -12.27
CA GLU B 12 4.04 8.76 -10.95
C GLU B 12 5.39 8.79 -10.23
N ALA B 13 6.48 8.56 -10.95
CA ALA B 13 7.80 8.55 -10.32
C ALA B 13 8.19 9.94 -9.81
N LYS B 14 7.80 10.98 -10.56
CA LYS B 14 8.06 12.34 -10.08
C LYS B 14 7.20 12.67 -8.85
N MET B 15 6.01 12.10 -8.76
CA MET B 15 5.18 12.29 -7.56
C MET B 15 5.87 11.71 -6.33
N LEU B 16 6.45 10.53 -6.46
CA LEU B 16 7.14 9.91 -5.32
C LEU B 16 8.38 10.71 -4.94
N ILE B 17 9.11 11.23 -5.92
CA ILE B 17 10.29 12.04 -5.62
C ILE B 17 9.88 13.32 -4.90
N THR B 18 8.84 13.99 -5.41
CA THR B 18 8.38 15.23 -4.79
C THR B 18 7.98 15.01 -3.33
N ALA B 19 7.19 13.96 -3.07
CA ALA B 19 6.77 13.69 -1.70
C ALA B 19 7.95 13.30 -0.83
N ALA B 20 8.93 12.58 -1.39
CA ALA B 20 10.07 12.16 -0.60
C ALA B 20 10.94 13.35 -0.20
N GLU B 21 11.02 14.37 -1.05
CA GLU B 21 11.82 15.56 -0.73
C GLU B 21 11.26 16.27 0.50
N ARG B 22 9.93 16.38 0.59
CA ARG B 22 9.32 17.07 1.73
C ARG B 22 9.43 16.24 3.00
N LEU B 23 9.21 14.92 2.89
CA LEU B 23 9.25 14.06 4.07
C LEU B 23 10.67 13.95 4.64
N ALA B 24 11.68 14.02 3.78
CA ALA B 24 13.06 13.86 4.26
C ALA B 24 13.51 15.04 5.11
N GLY B 25 12.93 16.22 4.89
CA GLY B 25 13.31 17.38 5.68
C GLY B 25 14.75 17.77 5.41
N THR B 26 15.49 18.05 6.49
CA THR B 26 16.89 18.43 6.40
C THR B 26 17.84 17.25 6.56
N ASP B 27 17.33 16.03 6.52
CA ASP B 27 18.18 14.84 6.61
C ASP B 27 19.16 14.84 5.44
N PRO B 28 20.47 14.89 5.68
CA PRO B 28 21.41 14.95 4.57
C PRO B 28 21.59 13.61 3.87
N GLU B 29 21.41 12.51 4.60
CA GLU B 29 21.51 11.19 3.99
C GLU B 29 20.26 10.84 3.18
N LEU B 30 19.09 11.32 3.61
CA LEU B 30 17.87 11.05 2.86
C LEU B 30 17.80 11.90 1.60
N GLN B 31 18.09 13.20 1.71
CA GLN B 31 18.03 14.07 0.55
C GLN B 31 19.05 13.67 -0.51
N GLU B 32 20.20 13.15 -0.09
CA GLU B 32 21.20 12.67 -1.05
C GLU B 32 20.67 11.48 -1.84
N MET B 33 20.02 10.53 -1.16
CA MET B 33 19.46 9.38 -1.85
C MET B 33 18.34 9.79 -2.80
N VAL B 34 17.51 10.75 -2.39
CA VAL B 34 16.45 11.24 -3.27
C VAL B 34 17.05 11.90 -4.51
N ALA B 35 18.14 12.66 -4.33
CA ALA B 35 18.77 13.32 -5.45
C ALA B 35 19.39 12.32 -6.43
N LEU B 36 19.92 11.20 -5.93
CA LEU B 36 20.48 10.20 -6.81
C LEU B 36 19.38 9.54 -7.64
N ILE B 37 18.27 9.17 -7.00
CA ILE B 37 17.15 8.56 -7.71
C ILE B 37 16.55 9.56 -8.70
N LYS B 38 16.51 10.84 -8.32
CA LYS B 38 15.98 11.86 -9.21
C LYS B 38 16.84 12.00 -10.47
N LYS B 39 18.17 11.86 -10.31
CA LYS B 39 19.05 11.93 -11.47
C LYS B 39 18.89 10.70 -12.36
N GLU B 40 18.60 9.54 -11.78
CA GLU B 40 18.31 8.37 -12.59
C GLU B 40 17.01 8.54 -13.37
N LEU B 41 16.03 9.22 -12.76
CA LEU B 41 14.78 9.52 -13.46
C LEU B 41 15.05 10.38 -14.69
N GLU B 42 15.77 11.49 -14.52
CA GLU B 42 16.08 12.37 -15.64
C GLU B 42 16.92 11.66 -16.68
N GLN B 43 17.79 10.74 -16.26
CA GLN B 43 18.57 9.96 -17.22
C GLN B 43 17.67 9.09 -18.08
N ALA B 44 16.65 8.48 -17.47
CA ALA B 44 15.69 7.68 -18.25
C ALA B 44 14.90 8.57 -19.21
N GLU B 45 14.55 9.78 -18.78
CA GLU B 45 13.84 10.70 -19.66
C GLU B 45 14.71 11.14 -20.83
N ARG B 46 16.02 11.28 -20.63
CA ARG B 46 16.91 11.66 -21.72
C ARG B 46 17.07 10.52 -22.72
N THR B 47 17.13 9.28 -22.23
CA THR B 47 17.22 8.13 -23.13
C THR B 47 15.94 7.97 -23.94
N PHE B 48 14.79 8.27 -23.33
CA PHE B 48 13.52 8.19 -24.05
C PHE B 48 13.46 9.18 -25.20
N ARG B 49 14.14 10.31 -25.08
CA ARG B 49 14.12 11.33 -26.12
C ARG B 49 15.15 11.08 -27.22
N ASN B 50 16.27 10.44 -26.89
CA ASN B 50 17.40 10.38 -27.82
C ASN B 50 17.90 8.98 -28.12
N GLY B 51 17.39 7.95 -27.47
CA GLY B 51 17.91 6.59 -27.63
C GLY B 51 16.84 5.53 -27.55
N ASP B 52 17.23 4.37 -27.04
CA ASP B 52 16.36 3.20 -26.99
C ASP B 52 15.22 3.46 -25.99
N LYS B 53 14.00 3.58 -26.50
CA LYS B 53 12.86 3.80 -25.62
C LYS B 53 12.55 2.58 -24.77
N SER B 54 12.85 1.38 -25.27
CA SER B 54 12.59 0.17 -24.50
C SER B 54 13.52 0.08 -23.30
N GLU B 55 14.80 0.44 -23.48
CA GLU B 55 15.73 0.44 -22.34
C GLU B 55 15.44 1.58 -21.38
N ALA B 56 14.93 2.70 -21.90
CA ALA B 56 14.57 3.81 -21.02
C ALA B 56 13.41 3.45 -20.10
N GLN B 57 12.43 2.71 -20.63
CA GLN B 57 11.30 2.28 -19.80
C GLN B 57 11.73 1.29 -18.73
N ARG B 58 12.61 0.34 -19.09
CA ARG B 58 13.12 -0.60 -18.11
C ARG B 58 13.86 0.12 -16.99
N GLN B 59 14.63 1.16 -17.34
CA GLN B 59 15.28 1.96 -16.31
C GLN B 59 14.27 2.74 -15.48
N LEU B 60 13.23 3.27 -16.13
CA LEU B 60 12.23 4.05 -15.40
C LEU B 60 11.41 3.17 -14.47
N GLU B 61 11.12 1.93 -14.89
CA GLU B 61 10.41 1.01 -14.01
C GLU B 61 11.24 0.64 -12.79
N PHE B 62 12.57 0.64 -12.92
CA PHE B 62 13.42 0.49 -11.74
C PHE B 62 13.44 1.75 -10.90
N VAL B 63 13.41 2.92 -11.56
CA VAL B 63 13.40 4.19 -10.84
C VAL B 63 12.12 4.32 -10.01
N LEU B 64 10.99 3.91 -10.59
CA LEU B 64 9.72 4.00 -9.87
C LEU B 64 9.75 3.18 -8.58
N THR B 65 10.30 1.97 -8.63
CA THR B 65 10.41 1.15 -7.43
C THR B 65 11.37 1.77 -6.43
N ALA B 66 12.48 2.34 -6.91
CA ALA B 66 13.43 2.98 -6.01
C ALA B 66 12.86 4.25 -5.41
N ALA B 67 12.08 5.01 -6.20
CA ALA B 67 11.50 6.25 -5.69
C ALA B 67 10.42 5.98 -4.65
N ARG B 68 9.66 4.89 -4.81
CA ARG B 68 8.67 4.53 -3.81
C ARG B 68 9.33 4.05 -2.52
N ALA B 69 10.49 3.40 -2.63
CA ALA B 69 11.18 2.94 -1.42
C ALA B 69 11.78 4.11 -0.65
N VAL B 70 12.35 5.09 -1.35
CA VAL B 70 12.95 6.22 -0.66
C VAL B 70 11.88 7.11 -0.05
N MET B 71 10.67 7.11 -0.60
CA MET B 71 9.58 7.87 0.00
C MET B 71 9.14 7.24 1.31
N ASN B 72 9.00 5.91 1.35
CA ASN B 72 8.62 5.24 2.58
C ASN B 72 9.73 5.31 3.62
N VAL B 73 10.99 5.31 3.19
CA VAL B 73 12.09 5.47 4.13
C VAL B 73 12.07 6.86 4.73
N ALA B 74 11.82 7.88 3.91
CA ALA B 74 11.74 9.25 4.42
C ALA B 74 10.58 9.41 5.39
N ALA B 75 9.43 8.81 5.06
CA ALA B 75 8.28 8.86 5.97
C ALA B 75 8.57 8.09 7.25
N ALA B 76 9.33 7.00 7.16
CA ALA B 76 9.70 6.24 8.35
C ALA B 76 10.62 7.05 9.25
N ALA B 77 11.68 7.62 8.68
CA ALA B 77 12.61 8.40 9.48
C ALA B 77 11.94 9.63 10.09
N ASN B 78 11.00 10.23 9.36
CA ASN B 78 10.28 11.39 9.89
C ASN B 78 9.42 11.00 11.08
N ALA B 79 8.71 9.87 10.98
CA ALA B 79 7.86 9.43 12.08
C ALA B 79 8.64 8.75 13.20
N ALA B 80 9.81 8.18 12.89
CA ALA B 80 10.59 7.49 13.90
C ALA B 80 11.13 8.44 14.96
N GLY B 81 11.44 9.68 14.57
CA GLY B 81 12.00 10.61 15.54
C GLY B 81 13.38 10.16 15.97
N THR B 82 13.59 10.08 17.28
CA THR B 82 14.87 9.68 17.85
C THR B 82 14.87 8.22 18.31
N ASP B 83 13.87 7.45 17.93
CA ASP B 83 13.81 6.04 18.31
C ASP B 83 15.03 5.31 17.74
N PRO B 84 15.91 4.76 18.58
CA PRO B 84 17.16 4.19 18.04
C PRO B 84 16.93 2.92 17.22
N GLU B 85 15.98 2.07 17.62
CA GLU B 85 15.71 0.86 16.86
C GLU B 85 15.19 1.19 15.47
N LEU B 86 14.21 2.09 15.38
CA LEU B 86 13.69 2.48 14.07
C LEU B 86 14.75 3.20 13.25
N ILE B 87 15.54 4.06 13.89
CA ILE B 87 16.63 4.74 13.19
C ILE B 87 17.59 3.72 12.59
N GLU B 88 17.93 2.69 13.37
CA GLU B 88 18.89 1.69 12.92
C GLU B 88 18.39 0.97 11.67
N MET B 89 17.10 0.64 11.63
CA MET B 89 16.56 -0.03 10.45
C MET B 89 16.48 0.90 9.26
N VAL B 90 16.31 2.21 9.51
CA VAL B 90 16.18 3.17 8.41
C VAL B 90 17.48 3.25 7.63
N LEU B 91 18.62 3.38 8.32
CA LEU B 91 19.88 3.50 7.59
C LEU B 91 20.30 2.17 6.98
N ARG B 92 19.93 1.05 7.60
CA ARG B 92 20.24 -0.25 7.00
C ARG B 92 19.49 -0.44 5.70
N ILE B 93 18.19 -0.12 5.69
CA ILE B 93 17.41 -0.19 4.45
C ILE B 93 17.91 0.86 3.46
N LEU B 94 18.21 2.07 3.95
CA LEU B 94 18.75 3.10 3.07
C LEU B 94 20.09 2.67 2.47
N LYS B 95 20.91 1.96 3.25
CA LYS B 95 22.17 1.47 2.72
C LYS B 95 21.96 0.43 1.64
N GLN B 96 21.02 -0.49 1.84
CA GLN B 96 20.75 -1.52 0.85
C GLN B 96 20.18 -0.92 -0.44
N LEU B 97 19.34 0.11 -0.32
CA LEU B 97 18.82 0.78 -1.50
C LEU B 97 19.94 1.41 -2.31
N LYS B 98 20.97 1.93 -1.63
CA LYS B 98 22.09 2.55 -2.33
C LYS B 98 22.88 1.52 -3.14
N GLU B 99 23.16 0.36 -2.56
CA GLU B 99 23.91 -0.67 -3.27
C GLU B 99 23.13 -1.18 -4.48
N ALA B 100 21.81 -1.31 -4.34
CA ALA B 100 21.00 -1.79 -5.46
C ALA B 100 20.96 -0.79 -6.60
N ILE B 101 21.04 0.50 -6.30
CA ILE B 101 21.08 1.51 -7.36
C ILE B 101 22.42 1.45 -8.08
N ARG B 102 23.52 1.39 -7.32
CA ARG B 102 24.84 1.27 -7.94
C ARG B 102 24.96 -0.03 -8.72
N THR B 103 24.28 -1.09 -8.28
CA THR B 103 24.29 -2.35 -9.02
C THR B 103 23.58 -2.19 -10.36
N PHE B 104 22.45 -1.49 -10.38
CA PHE B 104 21.75 -1.25 -11.63
C PHE B 104 22.57 -0.40 -12.58
N GLN B 105 23.32 0.57 -12.05
CA GLN B 105 24.14 1.43 -12.90
C GLN B 105 25.31 0.67 -13.51
N ASN B 106 25.79 -0.37 -12.83
CA ASN B 106 26.91 -1.17 -13.33
C ASN B 106 26.51 -2.11 -14.45
N GLY B 107 25.23 -2.19 -14.79
CA GLY B 107 24.74 -3.03 -15.87
C GLY B 107 23.99 -4.25 -15.41
N ASP B 108 24.23 -4.73 -14.19
CA ASP B 108 23.56 -5.92 -13.67
C ASP B 108 22.16 -5.51 -13.23
N GLN B 109 21.22 -5.55 -14.17
CA GLN B 109 19.86 -5.08 -13.90
C GLN B 109 19.03 -6.14 -13.17
N GLU B 110 19.24 -7.42 -13.48
CA GLU B 110 18.45 -8.47 -12.85
C GLU B 110 18.72 -8.55 -11.35
N GLU B 111 20.00 -8.48 -10.96
CA GLU B 111 20.34 -8.51 -9.53
C GLU B 111 19.82 -7.26 -8.82
N ALA B 112 19.78 -6.12 -9.51
CA ALA B 112 19.29 -4.90 -8.88
C ALA B 112 17.78 -4.95 -8.68
N GLU B 113 17.05 -5.49 -9.66
CA GLU B 113 15.60 -5.61 -9.53
C GLU B 113 15.22 -6.60 -8.44
N THR B 114 16.00 -7.67 -8.27
CA THR B 114 15.74 -8.61 -7.19
C THR B 114 16.05 -7.98 -5.84
N GLN B 115 17.03 -7.07 -5.79
CA GLN B 115 17.33 -6.36 -4.55
C GLN B 115 16.19 -5.43 -4.16
N LEU B 116 15.60 -4.74 -5.14
CA LEU B 116 14.53 -3.78 -4.84
C LEU B 116 13.26 -4.48 -4.36
N ARG B 117 13.04 -5.73 -4.79
CA ARG B 117 11.90 -6.49 -4.28
C ARG B 117 11.97 -6.61 -2.76
N PHE B 118 13.15 -6.87 -2.22
CA PHE B 118 13.32 -6.92 -0.77
C PHE B 118 13.30 -5.52 -0.16
N VAL B 119 13.98 -4.57 -0.81
CA VAL B 119 14.14 -3.24 -0.22
C VAL B 119 12.82 -2.50 -0.17
N LEU B 120 12.05 -2.55 -1.25
CA LEU B 120 10.78 -1.83 -1.29
C LEU B 120 9.83 -2.32 -0.20
N ARG B 121 9.68 -3.65 -0.09
CA ARG B 121 8.79 -4.20 0.92
C ARG B 121 9.29 -3.89 2.33
N ALA B 122 10.61 -3.94 2.54
CA ALA B 122 11.17 -3.59 3.84
C ALA B 122 10.96 -2.10 4.14
N ALA B 123 11.09 -1.24 3.13
CA ALA B 123 10.88 0.18 3.35
C ALA B 123 9.44 0.48 3.74
N ILE B 124 8.48 -0.15 3.06
CA ILE B 124 7.07 0.01 3.42
C ILE B 124 6.83 -0.50 4.83
N ALA B 125 7.46 -1.62 5.20
CA ALA B 125 7.25 -2.20 6.52
C ALA B 125 7.74 -1.27 7.61
N VAL B 126 8.96 -0.73 7.45
CA VAL B 126 9.51 0.13 8.50
C VAL B 126 8.73 1.44 8.59
N ALA B 127 8.11 1.88 7.49
CA ALA B 127 7.27 3.07 7.55
C ALA B 127 5.96 2.79 8.29
N VAL B 128 5.42 1.57 8.14
CA VAL B 128 4.17 1.23 8.82
C VAL B 128 4.42 1.04 10.31
N VAL B 129 5.53 0.39 10.68
CA VAL B 129 5.87 0.21 12.09
C VAL B 129 6.10 1.57 12.74
N ALA B 130 6.79 2.48 12.04
CA ALA B 130 7.04 3.80 12.58
C ALA B 130 5.74 4.56 12.84
N ALA B 131 4.77 4.42 11.93
CA ALA B 131 3.47 5.01 12.16
C ALA B 131 2.72 4.29 13.28
N ALA B 132 2.93 2.99 13.42
CA ALA B 132 2.30 2.24 14.51
C ALA B 132 2.84 2.67 15.87
N LEU B 133 4.15 2.95 15.94
CA LEU B 133 4.74 3.38 17.20
C LEU B 133 4.19 4.74 17.64
N VAL B 134 3.99 5.66 16.69
CA VAL B 134 3.42 6.95 17.02
C VAL B 134 1.99 6.79 17.54
N LEU B 135 1.20 5.96 16.86
CA LEU B 135 -0.17 5.72 17.31
C LEU B 135 -0.21 4.97 18.64
N ALA B 136 0.85 4.22 18.96
CA ALA B 136 0.88 3.48 20.22
C ALA B 136 0.94 4.41 21.41
N GLY B 137 1.71 5.49 21.31
CA GLY B 137 1.85 6.39 22.44
C GLY B 137 2.68 5.76 23.54
N THR B 138 2.17 5.81 24.77
CA THR B 138 2.84 5.24 25.93
C THR B 138 2.37 3.84 26.27
N ASP B 139 1.51 3.25 25.44
CA ASP B 139 0.98 1.91 25.68
C ASP B 139 2.10 0.89 25.68
N PRO B 140 2.39 0.26 26.83
CA PRO B 140 3.54 -0.66 26.86
C PRO B 140 3.33 -1.91 26.03
N GLU B 141 2.10 -2.44 25.99
CA GLU B 141 1.85 -3.65 25.20
C GLU B 141 2.03 -3.37 23.70
N LEU B 142 1.54 -2.22 23.24
CA LEU B 142 1.72 -1.87 21.82
C LEU B 142 3.18 -1.57 21.52
N GLN B 143 3.89 -0.93 22.46
CA GLN B 143 5.31 -0.66 22.25
C GLN B 143 6.12 -1.94 22.21
N GLU B 144 5.82 -2.89 23.11
CA GLU B 144 6.53 -4.17 23.11
C GLU B 144 6.29 -4.92 21.81
N MET B 145 5.05 -4.90 21.31
CA MET B 145 4.73 -5.59 20.07
C MET B 145 5.45 -4.96 18.89
N VAL B 146 5.50 -3.63 18.84
CA VAL B 146 6.23 -2.94 17.77
C VAL B 146 7.71 -3.32 17.80
N LYS B 147 8.29 -3.40 19.00
CA LYS B 147 9.69 -3.81 19.10
C LYS B 147 9.88 -5.24 18.63
N GLN B 148 8.90 -6.11 18.89
CA GLN B 148 8.99 -7.50 18.44
C GLN B 148 8.97 -7.59 16.92
N ILE B 149 8.16 -6.76 16.26
CA ILE B 149 8.17 -6.72 14.80
C ILE B 149 9.51 -6.24 14.29
N LEU B 150 10.08 -5.21 14.93
CA LEU B 150 11.35 -4.66 14.47
C LEU B 150 12.48 -5.66 14.60
N GLU B 151 12.44 -6.54 15.61
CA GLU B 151 13.47 -7.56 15.75
C GLU B 151 13.39 -8.58 14.62
N GLU B 152 12.18 -8.98 14.24
CA GLU B 152 12.03 -9.90 13.12
C GLU B 152 12.50 -9.26 11.82
N LEU B 153 12.23 -7.95 11.65
CA LEU B 153 12.73 -7.24 10.48
C LEU B 153 14.25 -7.16 10.48
N LYS B 154 14.86 -6.98 11.66
CA LYS B 154 16.31 -6.97 11.76
C LYS B 154 16.90 -8.30 11.34
N GLN B 155 16.30 -9.41 11.80
CA GLN B 155 16.77 -10.72 11.39
C GLN B 155 16.62 -10.93 9.89
N ALA B 156 15.53 -10.43 9.31
CA ALA B 156 15.30 -10.58 7.88
C ALA B 156 16.35 -9.83 7.07
N ILE B 157 16.70 -8.62 7.50
CA ILE B 157 17.74 -7.85 6.81
C ILE B 157 19.09 -8.55 6.94
N GLU B 158 19.40 -9.06 8.13
CA GLU B 158 20.69 -9.72 8.33
C GLU B 158 20.76 -11.06 7.60
N THR B 159 19.65 -11.81 7.58
CA THR B 159 19.63 -13.07 6.85
C THR B 159 19.77 -12.84 5.35
N PHE B 160 19.13 -11.79 4.82
CA PHE B 160 19.31 -11.44 3.42
C PHE B 160 20.76 -11.06 3.14
N ALA B 161 21.41 -10.36 4.07
CA ALA B 161 22.80 -9.96 3.86
C ALA B 161 23.74 -11.15 3.95
N ARG B 162 23.37 -12.19 4.70
CA ARG B 162 24.24 -13.34 4.87
C ARG B 162 24.13 -14.36 3.73
N GLY B 163 23.13 -14.21 2.85
CA GLY B 163 23.07 -15.04 1.67
C GLY B 163 21.73 -15.72 1.41
N ASP B 164 21.05 -16.13 2.48
CA ASP B 164 19.80 -16.88 2.36
C ASP B 164 18.67 -15.90 2.05
N LYS B 165 18.54 -15.58 0.76
CA LYS B 165 17.51 -14.64 0.33
C LYS B 165 16.12 -15.24 0.43
N GLU B 166 16.00 -16.55 0.25
CA GLU B 166 14.68 -17.20 0.32
C GLU B 166 14.09 -17.10 1.72
N LYS B 167 14.88 -17.49 2.73
CA LYS B 167 14.39 -17.45 4.10
C LYS B 167 14.10 -16.01 4.53
N ALA B 168 14.93 -15.07 4.08
CA ALA B 168 14.73 -13.68 4.45
C ALA B 168 13.45 -13.11 3.87
N LEU B 169 13.13 -13.48 2.62
CA LEU B 169 11.91 -12.98 1.99
C LEU B 169 10.68 -13.54 2.68
N THR B 170 10.73 -14.81 3.12
CA THR B 170 9.62 -15.39 3.85
C THR B 170 9.38 -14.67 5.16
N GLN B 171 10.46 -14.35 5.89
CA GLN B 171 10.32 -13.61 7.14
C GLN B 171 9.86 -12.18 6.89
N LEU B 172 10.40 -11.54 5.84
CA LEU B 172 10.00 -10.18 5.52
C LEU B 172 8.53 -10.10 5.13
N LEU B 173 8.02 -11.13 4.45
CA LEU B 173 6.59 -11.19 4.17
C LEU B 173 5.78 -11.25 5.46
N PHE B 174 6.23 -12.06 6.42
CA PHE B 174 5.57 -12.09 7.73
C PHE B 174 5.70 -10.75 8.44
N VAL B 175 6.86 -10.10 8.32
CA VAL B 175 7.06 -8.81 8.96
C VAL B 175 6.09 -7.77 8.40
N ALA B 176 5.88 -7.79 7.08
CA ALA B 176 5.06 -6.77 6.44
C ALA B 176 3.61 -6.85 6.90
N TRP B 177 3.04 -8.06 6.91
CA TRP B 177 1.65 -8.22 7.32
C TRP B 177 1.48 -7.97 8.82
N ALA B 178 2.47 -8.39 9.62
CA ALA B 178 2.43 -8.12 11.05
C ALA B 178 2.56 -6.62 11.31
N ALA B 179 3.38 -5.92 10.51
CA ALA B 179 3.47 -4.47 10.62
C ALA B 179 2.14 -3.81 10.32
N HIS B 180 1.45 -4.25 9.25
CA HIS B 180 0.14 -3.70 8.95
C HIS B 180 -0.86 -4.04 10.05
N ALA B 181 -0.68 -5.18 10.71
CA ALA B 181 -1.60 -5.57 11.79
C ALA B 181 -1.44 -4.66 12.99
N VAL B 182 -0.20 -4.40 13.42
CA VAL B 182 0.02 -3.58 14.61
C VAL B 182 -0.44 -2.15 14.36
N ALA B 183 -0.33 -1.66 13.12
CA ALA B 183 -0.76 -0.30 12.82
C ALA B 183 -2.27 -0.15 12.97
N MET B 184 -3.02 -1.13 12.49
CA MET B 184 -4.48 -1.08 12.62
C MET B 184 -4.91 -1.26 14.07
N ILE B 185 -4.25 -2.16 14.81
CA ILE B 185 -4.57 -2.36 16.22
C ILE B 185 -4.28 -1.09 17.02
N ALA B 186 -3.14 -0.46 16.76
CA ALA B 186 -2.81 0.78 17.45
C ALA B 186 -3.80 1.89 17.09
N ALA B 187 -4.21 1.95 15.82
CA ALA B 187 -5.23 2.91 15.43
C ALA B 187 -6.55 2.60 16.10
N ALA B 188 -6.88 1.31 16.26
CA ALA B 188 -8.10 0.94 16.97
C ALA B 188 -8.03 1.36 18.43
N ALA B 189 -6.89 1.13 19.09
CA ALA B 189 -6.73 1.54 20.47
C ALA B 189 -6.86 3.05 20.63
N ASN B 190 -6.39 3.82 19.64
CA ASN B 190 -6.55 5.27 19.69
C ASN B 190 -7.99 5.67 19.46
N LEU B 191 -8.63 5.08 18.46
CA LEU B 191 -10.02 5.44 18.14
C LEU B 191 -10.98 4.99 19.23
N ALA B 192 -10.65 3.92 19.96
CA ALA B 192 -11.52 3.45 21.02
C ALA B 192 -11.58 4.45 22.17
N GLY B 193 -10.43 5.03 22.53
CA GLY B 193 -10.42 6.03 23.58
C GLY B 193 -10.71 5.41 24.94
N THR B 194 -11.67 5.99 25.65
CA THR B 194 -12.06 5.52 26.98
C THR B 194 -13.24 4.56 26.95
N ASP B 195 -13.34 3.74 25.91
CA ASP B 195 -14.38 2.71 25.83
C ASP B 195 -13.81 1.40 26.35
N PRO B 196 -14.16 1.00 27.58
CA PRO B 196 -13.57 -0.24 28.12
C PRO B 196 -13.96 -1.47 27.33
N ARG B 197 -15.19 -1.52 26.81
CA ARG B 197 -15.62 -2.66 26.01
C ARG B 197 -14.79 -2.79 24.74
N LEU B 198 -14.52 -1.67 24.08
CA LEU B 198 -13.74 -1.72 22.85
C LEU B 198 -12.26 -1.98 23.11
N GLN B 199 -11.74 -1.48 24.24
CA GLN B 199 -10.33 -1.71 24.55
C GLN B 199 -10.05 -3.17 24.85
N GLN B 200 -11.02 -3.89 25.41
CA GLN B 200 -10.84 -5.33 25.63
C GLN B 200 -10.71 -6.07 24.30
N GLN B 201 -11.52 -5.70 23.31
CA GLN B 201 -11.42 -6.33 22.00
C GLN B 201 -10.08 -6.03 21.34
N VAL B 202 -9.63 -4.78 21.44
CA VAL B 202 -8.30 -4.42 20.92
C VAL B 202 -7.22 -5.20 21.66
N LYS B 203 -7.36 -5.32 22.98
CA LYS B 203 -6.39 -6.05 23.78
C LYS B 203 -6.31 -7.52 23.37
N GLU B 204 -7.48 -8.14 23.13
CA GLU B 204 -7.51 -9.55 22.77
C GLU B 204 -6.94 -9.78 21.37
N ILE B 205 -7.22 -8.87 20.45
CA ILE B 205 -6.70 -9.01 19.09
C ILE B 205 -5.19 -8.85 19.08
N LEU B 206 -4.66 -7.96 19.93
CA LEU B 206 -3.21 -7.82 20.06
C LEU B 206 -2.59 -9.12 20.56
N GLU B 207 -3.29 -9.84 21.44
CA GLU B 207 -2.79 -11.12 21.93
C GLU B 207 -2.79 -12.18 20.83
N LYS B 208 -3.82 -12.17 19.98
CA LYS B 208 -3.86 -13.12 18.87
C LYS B 208 -2.72 -12.90 17.91
N LEU B 209 -2.26 -11.66 17.76
CA LEU B 209 -1.11 -11.38 16.91
C LEU B 209 0.18 -11.85 17.55
N LYS B 210 0.30 -11.68 18.87
CA LYS B 210 1.48 -12.18 19.57
C LYS B 210 1.61 -13.69 19.43
N GLU B 211 0.49 -14.41 19.51
CA GLU B 211 0.51 -15.86 19.32
C GLU B 211 0.93 -16.21 17.89
N ALA B 212 0.52 -15.38 16.92
CA ALA B 212 0.89 -15.64 15.53
C ALA B 212 2.41 -15.54 15.33
N ILE B 213 3.04 -14.56 15.97
CA ILE B 213 4.48 -14.40 15.86
C ILE B 213 5.20 -15.57 16.53
N GLU B 214 4.68 -16.04 17.66
CA GLU B 214 5.29 -17.16 18.35
C GLU B 214 5.20 -18.45 17.54
N THR B 215 4.10 -18.64 16.80
CA THR B 215 4.00 -19.79 15.92
C THR B 215 5.05 -19.73 14.81
N PHE B 216 5.35 -18.52 14.33
CA PHE B 216 6.38 -18.37 13.31
C PHE B 216 7.76 -18.65 13.86
N GLN B 217 8.06 -18.12 15.05
CA GLN B 217 9.36 -18.37 15.65
C GLN B 217 9.56 -19.81 16.06
N LYS B 218 8.47 -20.56 16.28
CA LYS B 218 8.59 -21.97 16.64
C LYS B 218 8.93 -22.84 15.43
N GLY B 219 8.74 -22.34 14.21
CA GLY B 219 9.07 -23.06 13.00
C GLY B 219 7.89 -23.45 12.14
N ASP B 220 6.67 -23.42 12.69
CA ASP B 220 5.47 -23.78 11.93
C ASP B 220 5.00 -22.54 11.18
N GLU B 221 5.57 -22.34 9.99
CA GLU B 221 5.25 -21.15 9.20
C GLU B 221 3.85 -21.24 8.60
N GLU B 222 3.45 -22.44 8.17
CA GLU B 222 2.17 -22.60 7.49
C GLU B 222 1.01 -22.16 8.37
N GLN B 223 0.98 -22.64 9.62
CA GLN B 223 -0.08 -22.23 10.53
C GLN B 223 0.10 -20.79 10.99
N ALA B 224 1.36 -20.33 11.12
CA ALA B 224 1.61 -18.96 11.55
C ALA B 224 1.12 -17.95 10.52
N PHE B 225 1.23 -18.28 9.23
CA PHE B 225 0.78 -17.34 8.20
C PHE B 225 -0.73 -17.26 8.16
N ARG B 226 -1.43 -18.38 8.40
CA ARG B 226 -2.88 -18.34 8.47
C ARG B 226 -3.35 -17.52 9.67
N GLN B 227 -2.70 -17.70 10.83
CA GLN B 227 -3.08 -16.94 12.01
C GLN B 227 -2.86 -15.44 11.79
N LEU B 228 -1.75 -15.06 11.16
CA LEU B 228 -1.48 -13.66 10.89
C LEU B 228 -2.51 -13.08 9.93
N ALA B 229 -2.92 -13.87 8.93
CA ALA B 229 -3.93 -13.41 7.99
C ALA B 229 -5.27 -13.19 8.68
N GLU B 230 -5.62 -14.07 9.62
CA GLU B 230 -6.86 -13.90 10.37
C GLU B 230 -6.80 -12.69 11.28
N VAL B 231 -5.65 -12.49 11.95
CA VAL B 231 -5.50 -11.35 12.85
C VAL B 231 -5.60 -10.04 12.07
N LEU B 232 -5.03 -10.01 10.87
CA LEU B 232 -5.06 -8.78 10.07
C LEU B 232 -6.48 -8.35 9.76
N ALA B 233 -7.34 -9.30 9.38
CA ALA B 233 -8.74 -8.97 9.11
C ALA B 233 -9.45 -8.50 10.36
N GLU B 234 -9.17 -9.15 11.50
CA GLU B 234 -9.81 -8.75 12.75
C GLU B 234 -9.33 -7.36 13.18
N ALA B 235 -8.05 -7.05 12.96
CA ALA B 235 -7.55 -5.72 13.30
C ALA B 235 -8.23 -4.65 12.47
N ALA B 236 -8.42 -4.91 11.17
CA ALA B 236 -9.11 -3.94 10.32
C ALA B 236 -10.56 -3.77 10.72
N LEU B 237 -11.19 -4.83 11.23
CA LEU B 237 -12.60 -4.75 11.61
C LEU B 237 -12.77 -4.01 12.94
N VAL B 238 -11.85 -4.19 13.89
CA VAL B 238 -11.98 -3.52 15.17
C VAL B 238 -11.65 -2.04 15.06
N ALA B 239 -10.73 -1.67 14.17
CA ALA B 239 -10.46 -0.26 13.94
C ALA B 239 -11.67 0.43 13.32
N LEU B 240 -12.41 -0.28 12.47
CA LEU B 240 -13.64 0.27 11.92
C LEU B 240 -14.70 0.45 13.01
N ARG B 241 -14.82 -0.54 13.91
CA ARG B 241 -15.78 -0.44 15.00
C ARG B 241 -15.41 0.71 15.94
N ALA B 242 -14.12 0.83 16.28
CA ALA B 242 -13.69 1.90 17.17
C ALA B 242 -13.89 3.26 16.55
N ALA B 243 -13.75 3.36 15.22
CA ALA B 243 -13.92 4.65 14.55
C ALA B 243 -15.38 5.08 14.50
N LEU B 244 -16.31 4.13 14.50
CA LEU B 244 -17.73 4.44 14.40
C LEU B 244 -18.34 4.93 15.70
N THR B 245 -17.58 4.95 16.79
CA THR B 245 -18.09 5.42 18.07
C THR B 245 -17.67 6.86 18.35
#